data_2NLV
#
_entry.id   2NLV
#
_cell.length_a   46.779
_cell.length_b   37.354
_cell.length_c   63.453
_cell.angle_alpha   90.000
_cell.angle_beta   97.220
_cell.angle_gamma   90.000
#
_symmetry.space_group_name_H-M   'P 1 21 1'
#
loop_
_entity.id
_entity.type
_entity.pdbx_description
1 polymer 'XisI protein-like'
2 non-polymer 'CHLORIDE ION'
3 water water
#
_entity_poly.entity_id   1
_entity_poly.type   'polypeptide(L)'
_entity_poly.pdbx_seq_one_letter_code
;G(MSE)DKLVKYQELVKKLLTNYASDDVSDQDVEVQLILDTERNHYQW(MSE)NVGWQGLNRIYRCVIHFDIKDGKIWLQ
QNLTDRNPAEELV(MSE)(MSE)GVPREDIVLGLQAPYKRQYTDYGVA
;
_entity_poly.pdbx_strand_id   A,B
#
# COMPACT_ATOMS: atom_id res chain seq x y z
N GLY A 1 -16.17 14.34 -13.21
CA GLY A 1 -15.07 15.17 -13.74
C GLY A 1 -14.07 15.52 -12.64
N ASP A 3 -13.60 18.11 -10.56
CA ASP A 3 -14.02 18.50 -9.21
C ASP A 3 -14.42 17.30 -8.34
N LYS A 4 -15.06 16.34 -8.95
CA LYS A 4 -15.45 15.13 -8.28
C LYS A 4 -14.27 14.25 -7.91
N LEU A 5 -13.29 14.16 -8.81
CA LEU A 5 -12.07 13.40 -8.48
C LEU A 5 -11.37 14.04 -7.31
N VAL A 6 -11.15 15.35 -7.35
CA VAL A 6 -10.43 15.99 -6.26
C VAL A 6 -11.21 15.92 -4.97
N LYS A 7 -12.53 16.07 -5.05
CA LYS A 7 -13.35 15.87 -3.86
C LYS A 7 -13.10 14.55 -3.20
N TYR A 8 -13.16 13.48 -4.00
CA TYR A 8 -12.96 12.15 -3.49
C TYR A 8 -11.54 11.93 -2.99
N GLN A 9 -10.54 12.43 -3.70
CA GLN A 9 -9.15 12.35 -3.21
C GLN A 9 -9.06 12.95 -1.80
N GLU A 10 -9.58 14.15 -1.64
N GLU A 10 -9.59 14.15 -1.66
CA GLU A 10 -9.49 14.81 -0.34
CA GLU A 10 -9.47 14.86 -0.39
C GLU A 10 -10.19 14.05 0.76
C GLU A 10 -10.21 14.16 0.75
N LEU A 11 -11.38 13.57 0.48
CA LEU A 11 -12.11 12.82 1.46
C LEU A 11 -11.38 11.56 1.85
N VAL A 12 -10.83 10.83 0.90
CA VAL A 12 -10.11 9.62 1.21
C VAL A 12 -8.88 9.92 2.04
N LYS A 13 -8.16 10.94 1.64
CA LYS A 13 -6.96 11.30 2.46
C LYS A 13 -7.32 11.76 3.87
N LYS A 14 -8.43 12.50 4.02
CA LYS A 14 -8.83 12.95 5.34
C LYS A 14 -9.22 11.78 6.21
N LEU A 15 -10.06 10.85 5.70
N LEU A 15 -9.97 10.89 5.62
CA LEU A 15 -10.47 9.64 6.44
CA LEU A 15 -10.47 9.78 6.31
C LEU A 15 -9.26 8.83 6.84
C LEU A 15 -9.34 8.83 6.76
N LEU A 16 -8.40 8.51 5.86
CA LEU A 16 -7.25 7.68 6.20
C LEU A 16 -6.39 8.31 7.28
N THR A 17 -6.18 9.62 7.14
CA THR A 17 -5.36 10.35 8.13
C THR A 17 -6.02 10.27 9.51
N ASN A 18 -7.35 10.43 9.53
N ASN A 18 -7.33 10.42 9.59
CA ASN A 18 -8.21 10.27 10.74
CA ASN A 18 -8.03 10.37 10.88
C ASN A 18 -7.92 8.89 11.35
C ASN A 18 -8.00 8.96 11.50
N TYR A 19 -8.22 7.86 10.54
N TYR A 19 -8.07 7.92 10.70
CA TYR A 19 -7.98 6.44 10.92
CA TYR A 19 -7.88 6.58 11.28
C TYR A 19 -6.58 6.28 11.55
C TYR A 19 -6.46 6.40 11.73
N ALA A 20 -5.54 6.74 10.86
CA ALA A 20 -4.15 6.50 11.24
C ALA A 20 -3.71 7.29 12.49
N SER A 21 -4.29 8.46 12.71
N SER A 21 -4.29 8.47 12.68
CA SER A 21 -3.92 9.27 13.88
CA SER A 21 -4.00 9.31 13.84
C SER A 21 -4.49 8.69 15.19
C SER A 21 -4.38 8.60 15.13
N ASP A 22 -5.45 7.78 15.07
CA ASP A 22 -5.86 6.91 16.20
C ASP A 22 -5.09 5.56 16.37
N ASP A 23 -4.08 5.31 15.56
CA ASP A 23 -3.30 4.10 15.73
C ASP A 23 -2.77 3.95 17.17
N VAL A 24 -2.75 2.68 17.61
N VAL A 24 -2.73 2.74 17.75
CA VAL A 24 -2.41 2.29 18.98
CA VAL A 24 -2.05 2.58 19.05
C VAL A 24 -1.07 1.50 19.00
C VAL A 24 -1.08 1.39 19.00
N SER A 25 -0.47 1.29 17.82
N SER A 25 -0.42 1.25 17.86
CA SER A 25 0.75 0.47 17.72
CA SER A 25 0.69 0.31 17.77
C SER A 25 1.88 0.93 18.63
C SER A 25 1.89 0.90 18.54
N ASP A 26 2.83 0.03 18.87
CA ASP A 26 4.08 0.34 19.57
C ASP A 26 5.02 1.36 18.83
N GLN A 27 6.02 1.88 19.53
CA GLN A 27 7.09 2.68 18.89
C GLN A 27 7.95 1.87 17.87
N ASP A 28 7.98 0.55 18.02
CA ASP A 28 8.69 -0.34 17.06
C ASP A 28 7.87 -0.66 15.81
N VAL A 29 6.66 -0.08 15.74
CA VAL A 29 5.84 -0.24 14.57
C VAL A 29 5.51 1.14 13.97
N GLU A 30 5.92 1.36 12.73
N GLU A 30 5.88 1.35 12.71
CA GLU A 30 5.61 2.58 12.03
CA GLU A 30 5.68 2.60 11.99
C GLU A 30 4.14 2.55 11.61
C GLU A 30 4.29 2.65 11.37
N VAL A 31 3.56 3.75 11.56
CA VAL A 31 2.32 4.01 10.85
C VAL A 31 2.65 4.67 9.52
N GLN A 32 2.40 3.95 8.44
CA GLN A 32 2.66 4.45 7.11
C GLN A 32 1.39 4.92 6.45
N LEU A 33 1.39 6.22 5.99
N LEU A 33 1.39 6.17 6.01
CA LEU A 33 0.30 6.80 5.21
CA LEU A 33 0.36 6.69 5.17
C LEU A 33 0.69 6.90 3.73
C LEU A 33 0.93 6.73 3.76
N ILE A 34 0.38 5.90 2.90
CA ILE A 34 0.88 5.68 1.56
C ILE A 34 -0.14 6.30 0.62
N LEU A 35 0.15 7.48 0.13
CA LEU A 35 -0.79 8.23 -0.63
C LEU A 35 -0.19 8.53 -1.98
N ASP A 36 -0.63 7.82 -3.02
CA ASP A 36 -0.26 8.09 -4.41
C ASP A 36 -1.41 8.76 -5.13
N THR A 37 -1.31 10.07 -5.30
N THR A 37 -1.33 10.08 -5.27
CA THR A 37 -2.37 10.84 -5.91
CA THR A 37 -2.39 10.84 -5.89
C THR A 37 -2.34 10.85 -7.43
C THR A 37 -2.42 10.63 -7.41
N GLU A 38 -1.23 10.44 -8.00
CA GLU A 38 -1.16 10.29 -9.46
C GLU A 38 -1.91 9.05 -9.96
N ARG A 39 -1.71 7.93 -9.26
N ARG A 39 -1.73 7.99 -9.19
CA ARG A 39 -2.35 6.63 -9.60
CA ARG A 39 -2.22 6.68 -9.54
C ARG A 39 -3.57 6.32 -8.73
C ARG A 39 -3.46 6.30 -8.69
N ASN A 40 -3.83 7.17 -7.75
CA ASN A 40 -5.01 7.06 -6.90
C ASN A 40 -5.05 5.77 -6.10
N HIS A 41 -3.96 5.53 -5.36
CA HIS A 41 -3.88 4.45 -4.43
C HIS A 41 -3.54 5.00 -3.07
N TYR A 42 -4.31 4.58 -2.04
CA TYR A 42 -4.21 5.20 -0.74
C TYR A 42 -4.30 4.15 0.35
N GLN A 43 -3.26 4.03 1.18
N GLN A 43 -3.33 4.07 1.24
CA GLN A 43 -3.20 3.00 2.22
CA GLN A 43 -3.36 3.07 2.28
C GLN A 43 -2.81 3.57 3.58
C GLN A 43 -2.83 3.58 3.59
N TRP A 44 -3.27 2.91 4.63
CA TRP A 44 -2.70 3.02 5.95
C TRP A 44 -2.18 1.64 6.32
N ASN A 46 0.68 -0.68 8.94
CA ASN A 46 1.59 -0.75 10.08
C ASN A 46 2.76 -1.63 9.66
N VAL A 47 3.98 -1.16 9.87
CA VAL A 47 5.18 -1.82 9.42
C VAL A 47 6.24 -1.81 10.51
N GLY A 48 6.69 -2.98 10.98
CA GLY A 48 7.75 -3.03 11.96
C GLY A 48 7.91 -4.38 12.57
N TRP A 49 8.25 -4.44 13.85
CA TRP A 49 8.58 -5.63 14.58
C TRP A 49 7.97 -5.55 15.97
N GLN A 50 7.46 -6.71 16.40
CA GLN A 50 7.12 -6.92 17.81
C GLN A 50 7.98 -8.06 18.23
N GLY A 51 9.11 -7.76 18.88
CA GLY A 51 10.08 -8.79 19.07
C GLY A 51 10.51 -9.37 17.75
N LEU A 52 10.57 -10.70 17.57
CA LEU A 52 10.92 -11.33 16.35
C LEU A 52 9.73 -11.56 15.42
N ASN A 53 8.59 -11.00 15.76
CA ASN A 53 7.42 -11.09 14.90
C ASN A 53 7.30 -9.93 13.95
N ARG A 54 7.27 -10.20 12.67
CA ARG A 54 7.14 -9.17 11.68
C ARG A 54 5.74 -8.63 11.65
N ILE A 55 5.60 -7.31 11.76
CA ILE A 55 4.31 -6.60 11.56
C ILE A 55 4.37 -5.97 10.19
N TYR A 56 3.47 -6.41 9.35
CA TYR A 56 3.37 -5.89 8.00
C TYR A 56 1.93 -6.05 7.56
N ARG A 57 1.15 -5.00 7.66
N ARG A 57 1.10 -5.05 7.82
CA ARG A 57 -0.26 -5.14 7.41
CA ARG A 57 -0.37 -5.18 7.65
C ARG A 57 -0.87 -3.86 6.97
C ARG A 57 -1.01 -3.89 7.15
N CYS A 58 -1.79 -3.98 6.06
CA CYS A 58 -2.55 -2.89 5.60
C CYS A 58 -3.88 -2.86 6.33
N VAL A 59 -4.12 -1.79 7.08
CA VAL A 59 -5.33 -1.67 7.86
C VAL A 59 -6.52 -1.22 7.00
N ILE A 60 -6.34 -0.20 6.19
N ILE A 60 -6.30 -0.33 6.07
CA ILE A 60 -7.33 0.19 5.17
CA ILE A 60 -7.36 0.17 5.22
C ILE A 60 -6.62 0.58 3.89
C ILE A 60 -6.70 0.65 3.93
N HIS A 61 -7.30 0.29 2.79
CA HIS A 61 -6.81 0.66 1.46
C HIS A 61 -8.01 1.13 0.63
N PHE A 62 -7.89 2.34 0.06
CA PHE A 62 -8.81 2.87 -0.95
C PHE A 62 -8.10 3.12 -2.26
N ASP A 63 -8.72 2.77 -3.36
CA ASP A 63 -8.33 3.27 -4.69
C ASP A 63 -9.39 4.20 -5.21
N ILE A 64 -9.04 5.04 -6.18
CA ILE A 64 -10.03 5.74 -6.99
C ILE A 64 -9.80 5.33 -8.41
N LYS A 65 -10.79 4.66 -8.97
CA LYS A 65 -10.72 4.00 -10.31
C LYS A 65 -11.90 4.45 -11.10
N ASP A 66 -11.61 5.09 -12.23
CA ASP A 66 -12.63 5.66 -13.11
C ASP A 66 -13.57 6.53 -12.32
N GLY A 67 -12.99 7.26 -11.37
CA GLY A 67 -13.76 8.20 -10.57
C GLY A 67 -14.59 7.62 -9.42
N LYS A 68 -14.50 6.31 -9.17
N LYS A 68 -14.62 6.30 -9.20
CA LYS A 68 -15.18 5.64 -8.06
CA LYS A 68 -15.28 5.74 -8.01
C LYS A 68 -14.21 5.21 -6.98
C LYS A 68 -14.25 5.34 -6.99
N ILE A 69 -14.64 5.37 -5.73
CA ILE A 69 -13.81 4.97 -4.60
C ILE A 69 -13.96 3.49 -4.31
N TRP A 70 -12.90 2.73 -4.46
CA TRP A 70 -12.90 1.29 -4.14
C TRP A 70 -12.34 1.05 -2.77
N LEU A 71 -13.12 0.47 -1.90
CA LEU A 71 -12.65 -0.03 -0.57
C LEU A 71 -12.06 -1.41 -0.78
N GLN A 72 -10.75 -1.56 -0.60
CA GLN A 72 -10.07 -2.80 -0.89
C GLN A 72 -9.68 -3.61 0.30
N GLN A 73 -9.59 -2.98 1.47
CA GLN A 73 -9.18 -3.65 2.69
C GLN A 73 -9.69 -2.83 3.84
N ASN A 74 -10.21 -3.48 4.91
CA ASN A 74 -10.62 -2.84 6.14
C ASN A 74 -10.50 -3.83 7.26
N LEU A 75 -9.43 -3.69 8.04
CA LEU A 75 -9.24 -4.55 9.24
C LEU A 75 -9.79 -3.93 10.50
N THR A 76 -10.42 -2.78 10.45
CA THR A 76 -11.00 -2.17 11.63
C THR A 76 -12.43 -2.69 11.85
N ASP A 77 -13.03 -2.33 12.97
CA ASP A 77 -14.44 -2.69 13.12
C ASP A 77 -15.33 -1.48 12.81
N ARG A 78 -14.74 -0.43 12.17
N ARG A 78 -14.82 -0.55 12.04
CA ARG A 78 -15.47 0.74 11.59
CA ARG A 78 -15.63 0.54 11.59
C ARG A 78 -16.03 0.35 10.19
C ARG A 78 -16.09 0.27 10.16
N ASN A 79 -16.90 1.20 9.69
CA ASN A 79 -17.53 1.09 8.36
C ASN A 79 -17.13 2.28 7.51
N PRO A 80 -15.92 2.22 6.90
CA PRO A 80 -15.46 3.36 6.09
C PRO A 80 -16.35 3.72 4.96
N ALA A 81 -17.06 2.76 4.38
CA ALA A 81 -18.01 3.07 3.32
C ALA A 81 -19.12 3.99 3.80
N GLU A 82 -19.72 3.68 4.95
CA GLU A 82 -20.71 4.54 5.51
C GLU A 82 -20.18 5.89 5.92
N GLU A 83 -18.92 5.93 6.35
CA GLU A 83 -18.35 7.19 6.69
C GLU A 83 -18.20 8.09 5.46
N LEU A 84 -17.75 7.53 4.36
CA LEU A 84 -17.68 8.27 3.12
C LEU A 84 -19.02 8.79 2.68
N VAL A 85 -20.07 7.96 2.83
CA VAL A 85 -21.41 8.43 2.53
C VAL A 85 -21.81 9.59 3.42
N GLY A 88 -20.55 12.78 2.08
CA GLY A 88 -21.06 13.28 0.80
C GLY A 88 -20.79 12.42 -0.41
N VAL A 89 -20.21 11.22 -0.25
CA VAL A 89 -19.97 10.34 -1.37
C VAL A 89 -21.23 9.55 -1.72
N PRO A 90 -21.69 9.62 -2.99
CA PRO A 90 -22.84 8.75 -3.33
C PRO A 90 -22.55 7.27 -3.10
N ARG A 91 -23.51 6.48 -2.64
N ARG A 91 -23.52 6.55 -2.54
CA ARG A 91 -23.32 5.01 -2.51
CA ARG A 91 -23.40 5.10 -2.32
C ARG A 91 -22.91 4.39 -3.78
C ARG A 91 -23.02 4.41 -3.64
N GLU A 92 -23.51 4.86 -4.83
CA GLU A 92 -23.20 4.27 -6.13
C GLU A 92 -21.75 4.49 -6.64
N ASP A 93 -21.03 5.43 -5.99
CA ASP A 93 -19.65 5.73 -6.34
C ASP A 93 -18.65 5.10 -5.38
N ILE A 94 -19.12 4.17 -4.56
CA ILE A 94 -18.26 3.32 -3.72
C ILE A 94 -18.35 1.89 -4.21
N VAL A 95 -17.23 1.25 -4.43
CA VAL A 95 -17.19 -0.15 -4.82
C VAL A 95 -16.56 -0.94 -3.73
N LEU A 96 -17.21 -2.01 -3.25
CA LEU A 96 -16.63 -2.86 -2.25
C LEU A 96 -15.72 -3.89 -2.87
N GLY A 97 -14.50 -3.47 -3.18
CA GLY A 97 -13.49 -4.34 -3.76
C GLY A 97 -13.16 -5.51 -2.88
N LEU A 98 -13.33 -5.36 -1.56
CA LEU A 98 -13.14 -6.42 -0.61
C LEU A 98 -14.29 -7.44 -0.55
N GLN A 99 -15.36 -7.25 -1.32
N GLN A 99 -15.33 -7.29 -1.36
CA GLN A 99 -16.44 -8.23 -1.55
CA GLN A 99 -16.36 -8.30 -1.53
C GLN A 99 -16.22 -8.84 -2.93
C GLN A 99 -16.33 -8.80 -2.96
N ALA A 100 -16.70 -10.07 -3.12
CA ALA A 100 -16.54 -10.73 -4.38
C ALA A 100 -17.29 -10.02 -5.49
N PRO A 101 -16.76 -10.04 -6.72
CA PRO A 101 -17.41 -9.32 -7.80
C PRO A 101 -18.87 -9.61 -8.00
N TYR A 102 -19.27 -10.86 -7.92
CA TYR A 102 -20.67 -11.24 -8.22
C TYR A 102 -21.65 -10.57 -7.26
N LYS A 103 -21.18 -10.17 -6.08
CA LYS A 103 -22.08 -9.62 -5.06
C LYS A 103 -22.27 -8.14 -5.14
N ARG A 104 -21.38 -7.44 -5.82
CA ARG A 104 -21.33 -5.99 -5.70
C ARG A 104 -22.58 -5.29 -6.15
N GLN A 105 -23.20 -5.76 -7.21
CA GLN A 105 -24.45 -5.15 -7.70
C GLN A 105 -25.59 -5.36 -6.73
N TYR A 106 -25.39 -6.21 -5.72
CA TYR A 106 -26.42 -6.56 -4.74
C TYR A 106 -26.05 -5.98 -3.37
N THR A 107 -25.02 -5.18 -3.28
CA THR A 107 -24.66 -4.45 -2.07
C THR A 107 -25.41 -3.13 -2.01
N ASP A 108 -25.17 -2.43 -0.90
CA ASP A 108 -25.70 -1.10 -0.73
C ASP A 108 -24.99 -0.04 -1.56
N TYR A 109 -23.86 -0.41 -2.17
CA TYR A 109 -22.98 0.55 -2.82
C TYR A 109 -23.02 0.37 -4.32
N GLY A 110 -21.88 0.36 -5.00
CA GLY A 110 -21.84 0.44 -6.44
C GLY A 110 -20.99 -0.59 -7.11
N VAL A 111 -20.90 -0.46 -8.42
CA VAL A 111 -20.09 -1.35 -9.23
C VAL A 111 -19.21 -0.50 -10.12
N ALA A 112 -18.24 -1.10 -10.77
CA ALA A 112 -17.46 -0.36 -11.80
C ALA A 112 -18.43 0.22 -12.92
N LYS B 4 21.50 11.94 -2.18
CA LYS B 4 21.14 10.68 -2.90
C LYS B 4 19.62 10.45 -3.03
N LEU B 5 18.80 11.34 -2.46
CA LEU B 5 17.35 11.07 -2.40
C LEU B 5 16.76 10.94 -3.80
N VAL B 6 16.98 11.93 -4.67
CA VAL B 6 16.40 11.86 -6.01
C VAL B 6 16.91 10.63 -6.77
N LYS B 7 18.20 10.34 -6.66
CA LYS B 7 18.82 9.17 -7.31
C LYS B 7 18.14 7.83 -6.90
N TYR B 8 18.00 7.66 -5.59
CA TYR B 8 17.41 6.44 -5.04
C TYR B 8 15.93 6.37 -5.35
N GLN B 9 15.22 7.50 -5.36
CA GLN B 9 13.79 7.51 -5.81
C GLN B 9 13.69 6.96 -7.24
N GLU B 10 14.61 7.40 -8.09
CA GLU B 10 14.49 7.01 -9.49
C GLU B 10 14.80 5.55 -9.68
N LEU B 11 15.77 5.03 -8.96
CA LEU B 11 16.15 3.63 -9.06
C LEU B 11 15.02 2.71 -8.54
N VAL B 12 14.45 3.05 -7.38
CA VAL B 12 13.38 2.23 -6.81
C VAL B 12 12.18 2.28 -7.77
N LYS B 13 11.82 3.45 -8.28
CA LYS B 13 10.73 3.53 -9.25
C LYS B 13 10.99 2.70 -10.48
N LYS B 14 12.21 2.74 -10.99
CA LYS B 14 12.52 1.95 -12.18
C LYS B 14 12.39 0.45 -11.95
N LEU B 15 12.96 -0.05 -10.85
N LEU B 15 12.94 -0.02 -10.84
CA LEU B 15 12.87 -1.48 -10.55
CA LEU B 15 12.88 -1.42 -10.52
C LEU B 15 11.42 -1.92 -10.37
C LEU B 15 11.45 -1.93 -10.34
N LEU B 16 10.66 -1.17 -9.57
CA LEU B 16 9.28 -1.57 -9.33
C LEU B 16 8.44 -1.51 -10.57
N THR B 17 8.65 -0.48 -11.38
CA THR B 17 7.98 -0.40 -12.67
C THR B 17 8.31 -1.64 -13.54
N ASN B 18 9.57 -2.08 -13.59
CA ASN B 18 9.89 -3.26 -14.38
C ASN B 18 9.09 -4.47 -13.95
N TYR B 19 9.07 -4.71 -12.63
CA TYR B 19 8.34 -5.82 -12.12
C TYR B 19 6.85 -5.70 -12.39
N ALA B 20 6.26 -4.51 -12.13
CA ALA B 20 4.82 -4.39 -12.30
C ALA B 20 4.39 -4.55 -13.77
N SER B 21 5.20 -3.98 -14.65
CA SER B 21 4.93 -4.05 -16.08
C SER B 21 5.07 -5.45 -16.67
N ASP B 22 5.81 -6.30 -15.98
CA ASP B 22 6.07 -7.70 -16.41
C ASP B 22 5.12 -8.71 -15.77
N ASP B 23 4.24 -8.24 -14.88
CA ASP B 23 3.31 -9.10 -14.12
C ASP B 23 2.13 -9.46 -14.97
N VAL B 24 1.93 -10.75 -15.20
N VAL B 24 1.97 -10.76 -15.20
CA VAL B 24 0.84 -11.28 -16.03
CA VAL B 24 1.01 -11.35 -16.15
C VAL B 24 -0.44 -11.75 -15.27
C VAL B 24 -0.27 -11.91 -15.49
N SER B 25 -0.66 -11.21 -14.09
N SER B 25 -0.59 -11.32 -14.36
CA SER B 25 -1.92 -11.49 -13.38
CA SER B 25 -1.86 -11.57 -13.69
C SER B 25 -3.10 -11.33 -14.35
C SER B 25 -3.00 -11.63 -14.67
N ASP B 26 -4.12 -12.18 -14.25
CA ASP B 26 -5.29 -12.17 -15.13
C ASP B 26 -6.21 -10.98 -14.90
N GLN B 27 -7.22 -10.84 -15.72
CA GLN B 27 -8.08 -9.68 -15.72
C GLN B 27 -8.78 -9.48 -14.38
N ASP B 28 -8.84 -10.52 -13.55
CA ASP B 28 -9.52 -10.41 -12.27
C ASP B 28 -8.63 -9.95 -11.14
N VAL B 29 -7.35 -9.78 -11.41
CA VAL B 29 -6.41 -9.29 -10.43
C VAL B 29 -5.69 -8.05 -11.00
N GLU B 30 -5.88 -6.94 -10.35
CA GLU B 30 -5.24 -5.70 -10.72
C GLU B 30 -3.78 -5.71 -10.22
N VAL B 31 -2.88 -5.32 -11.11
CA VAL B 31 -1.51 -5.07 -10.79
C VAL B 31 -1.41 -3.59 -10.48
N GLN B 32 -1.03 -3.25 -9.25
CA GLN B 32 -0.92 -1.84 -8.87
C GLN B 32 0.53 -1.47 -8.63
N LEU B 33 0.87 -0.27 -9.10
CA LEU B 33 2.12 0.37 -8.81
C LEU B 33 1.80 1.58 -7.97
N ILE B 34 2.40 1.66 -6.80
CA ILE B 34 2.05 2.69 -5.82
C ILE B 34 3.35 3.43 -5.52
N LEU B 35 3.38 4.69 -5.88
CA LEU B 35 4.56 5.51 -5.71
C LEU B 35 4.18 6.75 -4.90
N ASP B 36 4.52 6.79 -3.64
CA ASP B 36 4.29 7.96 -2.79
C ASP B 36 5.64 8.63 -2.61
N THR B 37 5.83 9.71 -3.36
CA THR B 37 7.10 10.42 -3.37
C THR B 37 7.25 11.44 -2.27
N GLU B 38 6.20 11.67 -1.49
N GLU B 38 6.17 11.72 -1.54
CA GLU B 38 6.24 12.64 -0.38
CA GLU B 38 6.22 12.63 -0.39
C GLU B 38 6.65 11.98 0.92
C GLU B 38 6.78 11.89 0.80
N ARG B 39 6.15 10.77 1.16
CA ARG B 39 6.57 9.98 2.33
C ARG B 39 7.48 8.82 1.94
N ASN B 40 7.80 8.71 0.66
CA ASN B 40 8.77 7.73 0.15
C ASN B 40 8.43 6.29 0.49
N HIS B 41 7.25 5.88 0.02
CA HIS B 41 6.76 4.50 0.12
C HIS B 41 6.42 4.05 -1.29
N TYR B 42 6.94 2.89 -1.70
CA TYR B 42 6.83 2.44 -3.08
C TYR B 42 6.50 0.96 -3.08
N GLN B 43 5.43 0.58 -3.77
CA GLN B 43 4.92 -0.78 -3.72
C GLN B 43 4.49 -1.29 -5.09
N TRP B 44 4.58 -2.61 -5.27
CA TRP B 44 3.97 -3.35 -6.34
C TRP B 44 2.99 -4.32 -5.71
N ASN B 46 -0.80 -6.89 -5.94
CA ASN B 46 -1.81 -7.59 -6.70
C ASN B 46 -3.09 -7.51 -5.86
N VAL B 47 -4.19 -7.04 -6.46
CA VAL B 47 -5.46 -6.79 -5.76
C VAL B 47 -6.61 -7.25 -6.63
N GLY B 48 -7.33 -8.28 -6.20
CA GLY B 48 -8.47 -8.77 -6.97
C GLY B 48 -8.99 -10.06 -6.41
N TRP B 49 -9.45 -10.94 -7.30
CA TRP B 49 -10.14 -12.16 -6.93
C TRP B 49 -9.75 -13.28 -7.84
N GLN B 50 -9.65 -14.49 -7.33
N GLN B 50 -9.72 -14.48 -7.28
CA GLN B 50 -9.62 -15.67 -8.20
CA GLN B 50 -9.56 -15.74 -8.03
C GLN B 50 -10.72 -16.54 -7.62
C GLN B 50 -10.73 -16.62 -7.57
N GLY B 51 -11.80 -16.65 -8.35
CA GLY B 51 -13.05 -17.28 -7.81
C GLY B 51 -13.49 -16.57 -6.55
N LEU B 52 -13.70 -17.30 -5.46
CA LEU B 52 -14.12 -16.74 -4.17
C LEU B 52 -12.94 -16.43 -3.31
N ASN B 53 -11.71 -16.57 -3.83
CA ASN B 53 -10.52 -16.25 -3.07
C ASN B 53 -10.10 -14.81 -3.26
N ARG B 54 -9.99 -14.06 -2.19
CA ARG B 54 -9.51 -12.69 -2.25
C ARG B 54 -8.01 -12.70 -2.48
N ILE B 55 -7.56 -11.98 -3.49
CA ILE B 55 -6.11 -11.79 -3.76
C ILE B 55 -5.81 -10.36 -3.28
N TYR B 56 -4.99 -10.23 -2.26
CA TYR B 56 -4.63 -8.93 -1.74
C TYR B 56 -3.23 -9.08 -1.16
N ARG B 57 -2.24 -8.64 -1.90
N ARG B 57 -2.25 -8.62 -1.92
CA ARG B 57 -0.84 -8.90 -1.52
CA ARG B 57 -0.88 -8.75 -1.49
C ARG B 57 0.08 -7.83 -2.06
C ARG B 57 -0.01 -7.64 -2.01
N CYS B 58 0.98 -7.31 -1.21
CA CYS B 58 2.09 -6.50 -1.68
C CYS B 58 3.24 -7.42 -2.00
N VAL B 59 3.66 -7.36 -3.27
CA VAL B 59 4.70 -8.27 -3.71
C VAL B 59 6.08 -7.75 -3.36
N ILE B 60 6.36 -6.48 -3.63
CA ILE B 60 7.56 -5.85 -3.19
C ILE B 60 7.22 -4.46 -2.63
N HIS B 61 7.85 -4.09 -1.53
CA HIS B 61 7.71 -2.80 -0.92
C HIS B 61 9.08 -2.23 -0.60
N PHE B 62 9.35 -1.01 -1.06
CA PHE B 62 10.55 -0.27 -0.69
C PHE B 62 10.17 1.04 -0.10
N ASP B 63 10.82 1.43 1.00
CA ASP B 63 10.79 2.79 1.54
C ASP B 63 12.13 3.45 1.31
N ILE B 64 12.14 4.78 1.35
CA ILE B 64 13.43 5.52 1.44
C ILE B 64 13.33 6.34 2.71
N LYS B 65 14.27 6.14 3.64
N LYS B 65 14.33 6.18 3.59
CA LYS B 65 14.25 6.83 4.92
CA LYS B 65 14.33 6.71 4.94
C LYS B 65 15.68 7.13 5.31
C LYS B 65 15.75 7.15 5.22
N ASP B 66 15.95 8.41 5.56
CA ASP B 66 17.24 8.89 6.07
C ASP B 66 18.37 8.38 5.20
N GLY B 67 18.20 8.58 3.91
CA GLY B 67 19.26 8.29 2.95
C GLY B 67 19.48 6.83 2.57
N LYS B 68 18.60 5.93 3.03
CA LYS B 68 18.73 4.52 2.71
C LYS B 68 17.45 3.95 2.14
N ILE B 69 17.60 2.92 1.33
CA ILE B 69 16.47 2.21 0.75
C ILE B 69 16.18 1.00 1.65
N TRP B 70 14.95 0.92 2.15
CA TRP B 70 14.51 -0.18 2.99
C TRP B 70 13.65 -1.13 2.19
N LEU B 71 14.09 -2.39 2.12
CA LEU B 71 13.24 -3.45 1.55
C LEU B 71 12.36 -4.00 2.65
N GLN B 72 11.03 -3.81 2.52
CA GLN B 72 10.08 -4.17 3.55
C GLN B 72 9.31 -5.44 3.27
N GLN B 73 9.28 -5.88 2.01
CA GLN B 73 8.48 -7.02 1.62
C GLN B 73 9.06 -7.49 0.30
N ASN B 74 9.17 -8.81 0.18
CA ASN B 74 9.56 -9.48 -1.09
C ASN B 74 8.93 -10.87 -1.17
N LEU B 75 7.85 -11.00 -1.91
CA LEU B 75 7.14 -12.28 -2.12
C LEU B 75 7.67 -13.02 -3.33
N THR B 76 8.58 -12.43 -4.08
CA THR B 76 9.13 -13.11 -5.26
C THR B 76 10.21 -14.09 -4.85
N ASP B 77 10.61 -14.94 -5.81
N ASP B 77 10.57 -14.95 -5.81
CA ASP B 77 11.78 -15.84 -5.62
CA ASP B 77 11.75 -15.85 -5.71
C ASP B 77 13.08 -15.14 -6.02
C ASP B 77 13.00 -15.18 -6.29
N ARG B 78 13.01 -13.85 -6.31
CA ARG B 78 14.15 -13.10 -6.76
C ARG B 78 14.73 -12.25 -5.64
N ASN B 79 15.79 -11.50 -5.93
CA ASN B 79 16.53 -10.77 -4.92
C ASN B 79 16.58 -9.29 -5.29
N PRO B 80 15.47 -8.53 -5.07
CA PRO B 80 15.49 -7.10 -5.47
C PRO B 80 16.55 -6.24 -4.80
N ALA B 81 16.97 -6.60 -3.59
CA ALA B 81 18.05 -5.86 -2.93
C ALA B 81 19.31 -5.98 -3.74
N GLU B 82 19.63 -7.20 -4.20
CA GLU B 82 20.85 -7.34 -5.03
C GLU B 82 20.71 -6.69 -6.40
N GLU B 83 19.49 -6.64 -6.90
CA GLU B 83 19.23 -5.95 -8.13
C GLU B 83 19.53 -4.49 -8.02
N LEU B 84 19.13 -3.87 -6.92
CA LEU B 84 19.49 -2.49 -6.65
C LEU B 84 21.00 -2.25 -6.58
N VAL B 85 21.70 -3.22 -5.97
CA VAL B 85 23.16 -3.19 -5.90
C VAL B 85 23.74 -3.25 -7.28
N GLY B 88 23.66 -0.01 -8.87
CA GLY B 88 24.53 1.06 -8.37
C GLY B 88 24.32 1.55 -6.94
N VAL B 89 23.41 0.93 -6.18
CA VAL B 89 23.22 1.28 -4.77
C VAL B 89 24.24 0.50 -3.93
N PRO B 90 25.05 1.19 -3.10
CA PRO B 90 25.95 0.42 -2.28
C PRO B 90 25.19 -0.32 -1.24
N ARG B 91 25.68 -1.49 -0.87
CA ARG B 91 25.02 -2.34 0.10
C ARG B 91 24.76 -1.67 1.44
N GLU B 92 25.63 -0.75 1.87
CA GLU B 92 25.43 -0.08 3.14
C GLU B 92 24.20 0.84 3.15
N ASP B 93 23.69 1.18 1.97
CA ASP B 93 22.54 2.09 1.84
C ASP B 93 21.24 1.33 1.59
N ILE B 94 21.30 0.00 1.77
CA ILE B 94 20.11 -0.85 1.76
C ILE B 94 19.90 -1.41 3.13
N VAL B 95 18.67 -1.27 3.63
CA VAL B 95 18.33 -1.89 4.90
C VAL B 95 17.28 -2.96 4.64
N LEU B 96 17.53 -4.16 5.15
CA LEU B 96 16.57 -5.23 5.07
C LEU B 96 15.54 -5.11 6.19
N GLY B 97 14.54 -4.27 5.97
CA GLY B 97 13.45 -4.11 6.93
C GLY B 97 12.68 -5.37 7.22
N LEU B 98 12.63 -6.26 6.24
CA LEU B 98 11.96 -7.52 6.36
C LEU B 98 12.74 -8.55 7.14
N GLN B 99 13.94 -8.17 7.61
CA GLN B 99 14.79 -8.98 8.50
C GLN B 99 14.78 -8.36 9.88
N ALA B 100 14.78 -9.21 10.93
CA ALA B 100 14.75 -8.71 12.28
C ALA B 100 15.90 -7.73 12.57
N PRO B 101 15.61 -6.62 13.24
CA PRO B 101 16.64 -5.60 13.44
C PRO B 101 17.98 -6.05 13.98
N TYR B 102 17.98 -6.97 14.92
CA TYR B 102 19.23 -7.32 15.57
C TYR B 102 20.19 -7.99 14.56
N LYS B 103 19.66 -8.54 13.47
CA LYS B 103 20.50 -9.27 12.53
C LYS B 103 21.30 -8.36 11.60
N ARG B 104 20.80 -7.14 11.40
CA ARG B 104 21.22 -6.31 10.27
C ARG B 104 22.69 -5.94 10.33
N GLN B 105 23.21 -5.68 11.53
CA GLN B 105 24.65 -5.31 11.64
C GLN B 105 25.60 -6.45 11.30
N TYR B 106 25.06 -7.66 11.19
CA TYR B 106 25.82 -8.85 10.81
C TYR B 106 25.62 -9.22 9.34
N THR B 107 24.54 -8.72 8.73
CA THR B 107 24.30 -8.85 7.29
C THR B 107 25.38 -8.07 6.52
N ASP B 108 25.33 -8.20 5.20
CA ASP B 108 26.22 -7.43 4.36
C ASP B 108 25.55 -6.12 3.91
N TYR B 109 24.38 -5.77 4.47
CA TYR B 109 23.70 -4.54 4.06
C TYR B 109 23.86 -3.53 5.22
N GLY B 110 22.98 -2.55 5.34
CA GLY B 110 23.14 -1.49 6.31
C GLY B 110 22.19 -1.57 7.43
N VAL B 111 22.40 -0.64 8.34
CA VAL B 111 21.49 -0.39 9.43
C VAL B 111 20.96 1.06 9.28
N ALA B 112 19.87 1.34 9.99
CA ALA B 112 19.12 2.58 9.81
C ALA B 112 20.01 3.79 9.56
#